data_5MR5
#
_entry.id   5MR5
#
_cell.length_a   52.070
_cell.length_b   120.300
_cell.length_c   78.670
_cell.angle_alpha   90.00
_cell.angle_beta   98.46
_cell.angle_gamma   90.00
#
_symmetry.space_group_name_H-M   'P 1 21 1'
#
loop_
_entity.id
_entity.type
_entity.pdbx_description
1 polymer Neurturin
2 polymer 'GDNF family receptor alpha-2'
3 non-polymer 'SULFATE ION'
4 non-polymer GLYCEROL
5 water water
#
loop_
_entity_poly.entity_id
_entity_poly.type
_entity_poly.pdbx_seq_one_letter_code
_entity_poly.pdbx_strand_id
1 'polypeptide(L)'
;ARLGARPCGLRELEVRVSELGLGYASDETVLFRYCAGACEAAARVYDLGLRRLRQRRRLRRERVRAQPCCRPTAYEDEVS
FLDAHSRYHTVHELSARECACV
;
A,B
2 'polypeptide(L)'
;GTGADPVVSAKSNHCLDAAKACNLNDNCKKLRSSYISICNREISPTERCNRRKCHKALRQFFDRVPSEYTYRMLFCSCQD
QACAERRRQTILPSCSYEDKEKPNCLDLRGVCRTDHLCRSRLADFHANCRASYQTVTSCPADNYQACLGSYAGMIGFDMT
PNYVDSSPTGIVVSPWCSCRGSGNMEEECEKFLRDFTENPCLRNAIQAFGNGTDVN
;
C,D
#
# COMPACT_ATOMS: atom_id res chain seq x y z
N ALA A 5 25.46 10.57 -6.78
CA ALA A 5 25.89 10.97 -5.41
C ALA A 5 24.71 10.96 -4.45
N ARG A 6 23.78 11.87 -4.66
CA ARG A 6 22.65 12.02 -3.76
C ARG A 6 21.58 10.95 -4.03
N PRO A 7 21.12 10.25 -2.98
CA PRO A 7 20.20 9.14 -3.19
C PRO A 7 18.78 9.59 -3.52
N CYS A 8 18.00 8.67 -4.08
CA CYS A 8 16.63 8.91 -4.43
C CYS A 8 15.85 9.47 -3.25
N GLY A 9 15.28 10.65 -3.44
CA GLY A 9 14.42 11.27 -2.42
C GLY A 9 13.68 12.51 -2.92
N LEU A 10 12.93 13.11 -2.01
CA LEU A 10 12.16 14.32 -2.29
C LEU A 10 13.02 15.52 -2.54
N ARG A 11 12.62 16.31 -3.52
CA ARG A 11 13.21 17.61 -3.81
C ARG A 11 12.08 18.61 -3.89
N GLU A 12 12.43 19.89 -3.69
CA GLU A 12 11.49 21.01 -3.61
C GLU A 12 11.96 22.15 -4.47
N LEU A 13 10.99 22.82 -5.07
CA LEU A 13 11.24 23.94 -5.95
C LEU A 13 10.01 24.85 -5.88
N GLU A 14 10.22 26.15 -5.70
CA GLU A 14 9.15 27.13 -5.83
C GLU A 14 8.91 27.37 -7.30
N VAL A 15 7.65 27.26 -7.73
CA VAL A 15 7.33 27.50 -9.14
C VAL A 15 6.06 28.31 -9.31
N ARG A 16 6.01 29.01 -10.43
CA ARG A 16 4.80 29.69 -10.87
C ARG A 16 3.93 28.69 -11.56
N VAL A 17 2.64 28.65 -11.26
CA VAL A 17 1.79 27.64 -11.86
C VAL A 17 1.75 27.78 -13.37
N SER A 18 1.84 29.01 -13.88
CA SER A 18 1.81 29.30 -15.34
C SER A 18 3.05 28.82 -16.08
N GLU A 19 4.06 28.48 -15.32
CA GLU A 19 5.32 27.94 -15.82
C GLU A 19 5.24 26.45 -16.16
N LEU A 20 4.26 25.75 -15.59
CA LEU A 20 4.18 24.29 -15.68
C LEU A 20 3.62 23.78 -17.02
N GLY A 21 3.12 24.67 -17.87
CA GLY A 21 2.61 24.27 -19.18
C GLY A 21 1.33 23.46 -19.12
N LEU A 22 0.56 23.64 -18.05
CA LEU A 22 -0.69 22.90 -17.82
C LEU A 22 -1.96 23.71 -18.13
N GLY A 23 -1.80 24.88 -18.72
CA GLY A 23 -2.94 25.67 -19.15
C GLY A 23 -3.57 26.57 -18.10
N TYR A 24 -2.92 26.74 -16.96
CA TYR A 24 -3.48 27.59 -15.91
C TYR A 24 -2.90 29.00 -16.02
N ALA A 25 -3.76 29.97 -16.28
CA ALA A 25 -3.33 31.35 -16.38
C ALA A 25 -3.33 31.99 -14.98
N SER A 26 -2.39 31.56 -14.14
CA SER A 26 -2.28 32.06 -12.78
C SER A 26 -0.83 32.35 -12.47
N ASP A 27 -0.59 33.51 -11.87
CA ASP A 27 0.75 33.91 -11.44
C ASP A 27 1.04 33.40 -10.04
N GLU A 28 0.13 32.62 -9.47
CA GLU A 28 0.38 32.06 -8.15
C GLU A 28 1.60 31.14 -8.16
N THR A 29 2.20 31.02 -6.99
CA THR A 29 3.33 30.13 -6.78
C THR A 29 2.91 28.88 -5.99
N VAL A 30 3.42 27.71 -6.35
CA VAL A 30 3.28 26.53 -5.51
C VAL A 30 4.64 25.99 -5.14
N LEU A 31 4.69 25.24 -4.05
CA LEU A 31 5.89 24.46 -3.70
C LEU A 31 5.81 23.14 -4.48
N PHE A 32 6.63 22.99 -5.50
CA PHE A 32 6.59 21.79 -6.33
C PHE A 32 7.59 20.78 -5.80
N ARG A 33 7.08 19.62 -5.38
CA ARG A 33 7.91 18.53 -4.83
C ARG A 33 8.00 17.36 -5.81
N TYR A 34 9.20 16.82 -6.00
CA TYR A 34 9.38 15.71 -6.93
C TYR A 34 10.44 14.73 -6.46
N CYS A 35 10.56 13.62 -7.19
CA CYS A 35 11.48 12.54 -6.81
C CYS A 35 12.66 12.47 -7.73
N ALA A 36 13.85 12.51 -7.15
CA ALA A 36 15.09 12.48 -7.93
C ALA A 36 16.22 11.82 -7.15
N GLY A 37 17.25 11.40 -7.88
CA GLY A 37 18.44 10.81 -7.27
C GLY A 37 18.74 9.40 -7.73
N ALA A 38 19.80 8.82 -7.16
CA ALA A 38 20.28 7.48 -7.52
C ALA A 38 19.67 6.40 -6.66
N CYS A 39 19.53 5.22 -7.26
CA CYS A 39 19.09 4.03 -6.56
C CYS A 39 20.34 3.15 -6.40
N GLU A 40 20.95 3.21 -5.22
CA GLU A 40 22.25 2.58 -4.96
C GLU A 40 22.16 1.41 -3.97
N ALA A 41 20.97 1.12 -3.48
CA ALA A 41 20.76 -0.05 -2.63
C ALA A 41 21.11 -1.31 -3.43
N ALA A 42 21.56 -2.35 -2.70
CA ALA A 42 21.91 -3.64 -3.30
C ALA A 42 20.76 -4.17 -4.12
N ALA A 43 21.07 -4.77 -5.25
CA ALA A 43 20.06 -5.27 -6.16
C ALA A 43 19.15 -6.32 -5.52
N ARG A 44 17.87 -6.29 -5.82
CA ARG A 44 16.95 -7.37 -5.44
C ARG A 44 17.33 -8.67 -6.14
N VAL A 45 16.95 -9.81 -5.56
CA VAL A 45 17.19 -11.07 -6.26
C VAL A 45 16.42 -11.15 -7.59
N TYR A 46 15.20 -10.61 -7.61
CA TYR A 46 14.44 -10.45 -8.84
C TYR A 46 15.25 -9.82 -9.97
N ASP A 47 15.85 -8.68 -9.65
CA ASP A 47 16.61 -7.94 -10.64
C ASP A 47 17.87 -8.68 -11.08
N LEU A 48 18.51 -9.34 -10.15
CA LEU A 48 19.70 -10.12 -10.46
C LEU A 48 19.33 -11.26 -11.39
N GLY A 49 18.23 -11.94 -11.10
CA GLY A 49 17.75 -13.01 -11.95
C GLY A 49 17.36 -12.55 -13.33
N LEU A 50 16.70 -11.40 -13.38
CA LEU A 50 16.27 -10.83 -14.65
C LEU A 50 17.47 -10.41 -15.49
N ARG A 51 18.46 -9.75 -14.90
CA ARG A 51 19.68 -9.40 -15.65
C ARG A 51 20.35 -10.62 -16.25
N ARG A 52 20.48 -11.68 -15.44
CA ARG A 52 21.11 -12.90 -15.90
C ARG A 52 20.34 -13.49 -17.08
N LEU A 53 19.01 -13.51 -16.97
CA LEU A 53 18.18 -14.14 -18.00
C LEU A 53 18.22 -13.33 -19.29
N ARG A 54 18.24 -12.01 -19.16
CA ARG A 54 18.44 -11.13 -20.31
C ARG A 54 19.76 -11.46 -21.01
N GLN A 55 20.85 -11.50 -20.24
CA GLN A 55 22.21 -11.77 -20.77
C GLN A 55 22.34 -13.15 -21.40
N ARG A 56 21.55 -14.12 -20.93
CA ARG A 56 21.58 -15.47 -21.49
C ARG A 56 20.63 -15.59 -22.67
N ARG A 57 20.15 -14.42 -23.17
CA ARG A 57 19.23 -14.34 -24.30
C ARG A 57 17.96 -15.23 -24.13
N ARG A 58 17.49 -15.34 -22.89
CA ARG A 58 16.33 -16.13 -22.56
C ARG A 58 15.00 -15.36 -22.63
N LEU A 59 15.06 -14.04 -22.76
CA LEU A 59 13.85 -13.18 -22.80
C LEU A 59 13.37 -12.89 -24.23
N ARG A 60 12.23 -12.21 -24.36
CA ARG A 60 11.46 -12.12 -25.61
C ARG A 60 11.42 -10.76 -26.33
N ARG A 61 12.60 -10.21 -26.68
CA ARG A 61 12.66 -8.98 -27.53
C ARG A 61 11.76 -7.80 -27.07
N GLU A 62 11.48 -7.71 -25.78
CA GLU A 62 10.61 -6.67 -25.24
C GLU A 62 11.43 -5.83 -24.26
N ARG A 63 11.02 -4.60 -24.02
CA ARG A 63 11.72 -3.75 -23.04
C ARG A 63 11.44 -4.27 -21.61
N VAL A 64 12.51 -4.66 -20.92
CA VAL A 64 12.45 -5.18 -19.55
C VAL A 64 13.37 -4.36 -18.66
N ARG A 65 12.83 -3.85 -17.57
CA ARG A 65 13.64 -3.08 -16.60
C ARG A 65 14.13 -3.98 -15.49
N ALA A 66 15.44 -4.09 -15.35
CA ALA A 66 16.06 -4.97 -14.34
C ALA A 66 16.81 -4.15 -13.30
N GLN A 67 16.26 -3.00 -13.00
CA GLN A 67 16.90 -2.01 -12.17
C GLN A 67 15.81 -1.06 -11.71
N PRO A 68 15.80 -0.69 -10.41
CA PRO A 68 14.71 0.16 -9.93
C PRO A 68 14.71 1.56 -10.50
N CYS A 69 13.56 2.22 -10.42
CA CYS A 69 13.43 3.62 -10.84
C CYS A 69 13.08 4.47 -9.63
N CYS A 70 13.72 5.62 -9.50
CA CYS A 70 13.35 6.59 -8.46
C CYS A 70 12.07 7.32 -8.92
N ARG A 71 10.97 7.00 -8.27
CA ARG A 71 9.65 7.53 -8.63
C ARG A 71 8.82 7.76 -7.40
N PRO A 72 7.74 8.55 -7.52
CA PRO A 72 6.86 8.72 -6.40
C PRO A 72 6.07 7.45 -6.09
N THR A 73 5.86 7.22 -4.80
CA THR A 73 4.97 6.17 -4.32
C THR A 73 3.70 6.75 -3.71
N ALA A 74 3.70 8.07 -3.52
CA ALA A 74 2.52 8.77 -3.09
C ALA A 74 2.59 10.21 -3.59
N TYR A 75 1.42 10.80 -3.73
CA TYR A 75 1.28 12.13 -4.33
C TYR A 75 0.53 13.12 -3.43
N GLU A 76 0.81 14.41 -3.63
CA GLU A 76 0.08 15.48 -2.98
C GLU A 76 -1.41 15.30 -3.17
N ASP A 77 -2.15 15.51 -2.09
CA ASP A 77 -3.59 15.43 -2.07
C ASP A 77 -4.23 16.49 -2.99
N GLU A 78 -3.96 17.75 -2.70
CA GLU A 78 -4.48 18.88 -3.50
C GLU A 78 -3.72 20.17 -3.21
N VAL A 79 -3.74 21.07 -4.19
CA VAL A 79 -3.27 22.43 -3.96
C VAL A 79 -4.19 23.32 -4.78
N SER A 80 -4.45 24.54 -4.29
CA SER A 80 -5.35 25.45 -5.03
C SER A 80 -4.73 26.80 -5.33
N PHE A 81 -5.34 27.52 -6.28
CA PHE A 81 -4.90 28.83 -6.65
C PHE A 81 -6.02 29.54 -7.42
N LEU A 82 -5.91 30.86 -7.47
CA LEU A 82 -6.83 31.73 -8.18
C LEU A 82 -6.15 32.18 -9.45
N ASP A 83 -6.84 32.11 -10.58
CA ASP A 83 -6.23 32.46 -11.86
C ASP A 83 -6.54 33.92 -12.21
N ALA A 84 -5.99 34.38 -13.34
CA ALA A 84 -6.12 35.77 -13.79
C ALA A 84 -7.55 36.22 -14.13
N HIS A 85 -8.46 35.28 -14.34
CA HIS A 85 -9.86 35.61 -14.61
C HIS A 85 -10.67 35.44 -13.33
N SER A 86 -9.99 35.47 -12.19
CA SER A 86 -10.65 35.38 -10.90
C SER A 86 -11.47 34.09 -10.74
N ARG A 87 -10.94 32.99 -11.25
CA ARG A 87 -11.53 31.67 -11.03
C ARG A 87 -10.55 30.81 -10.23
N TYR A 88 -11.08 30.05 -9.28
CA TYR A 88 -10.26 29.18 -8.46
C TYR A 88 -10.09 27.83 -9.12
N HIS A 89 -8.91 27.24 -8.93
CA HIS A 89 -8.61 25.89 -9.38
C HIS A 89 -8.00 25.06 -8.25
N THR A 90 -8.36 23.79 -8.21
CA THR A 90 -7.74 22.82 -7.33
C THR A 90 -7.15 21.70 -8.20
N VAL A 91 -5.87 21.41 -8.01
CA VAL A 91 -5.18 20.36 -8.78
C VAL A 91 -4.81 19.23 -7.82
N HIS A 92 -5.07 17.99 -8.25
CA HIS A 92 -4.78 16.83 -7.43
C HIS A 92 -3.55 16.11 -7.94
N GLU A 93 -2.70 15.67 -7.02
CA GLU A 93 -1.49 14.90 -7.33
C GLU A 93 -0.51 15.66 -8.21
N LEU A 94 -0.43 16.97 -8.02
CA LEU A 94 0.54 17.76 -8.77
C LEU A 94 1.97 17.45 -8.35
N SER A 95 2.18 17.38 -7.04
CA SER A 95 3.51 17.12 -6.48
C SER A 95 3.60 15.67 -5.98
N ALA A 96 4.82 15.16 -5.90
CA ALA A 96 5.11 13.94 -5.16
C ALA A 96 5.02 14.23 -3.67
N ARG A 97 4.63 13.21 -2.89
CA ARG A 97 4.59 13.28 -1.44
C ARG A 97 5.59 12.30 -0.81
N GLU A 98 5.82 11.15 -1.46
CA GLU A 98 6.82 10.18 -1.00
C GLU A 98 7.53 9.59 -2.21
N CYS A 99 8.80 9.25 -2.03
CA CYS A 99 9.65 8.68 -3.09
C CYS A 99 10.22 7.31 -2.68
N ALA A 100 10.44 6.45 -3.67
CA ALA A 100 11.18 5.22 -3.45
C ALA A 100 11.77 4.73 -4.76
N CYS A 101 12.73 3.82 -4.61
CA CYS A 101 13.31 3.12 -5.73
C CYS A 101 12.43 1.91 -5.96
N VAL A 102 11.64 1.96 -7.01
CA VAL A 102 10.66 0.94 -7.27
C VAL A 102 11.19 0.06 -8.38
N ALA B 5 2.54 -2.84 -29.52
CA ALA B 5 3.30 -2.67 -28.24
C ALA B 5 2.47 -3.18 -27.07
N ARG B 6 2.85 -4.35 -26.56
CA ARG B 6 2.13 -4.97 -25.47
C ARG B 6 2.28 -4.10 -24.22
N PRO B 7 1.17 -3.81 -23.51
CA PRO B 7 1.34 -2.91 -22.39
C PRO B 7 2.00 -3.58 -21.19
N CYS B 8 2.54 -2.76 -20.30
CA CYS B 8 3.18 -3.23 -19.08
C CYS B 8 2.35 -4.26 -18.37
N GLY B 9 2.91 -5.45 -18.18
CA GLY B 9 2.21 -6.50 -17.43
C GLY B 9 3.11 -7.69 -17.06
N LEU B 10 2.51 -8.67 -16.40
CA LEU B 10 3.21 -9.91 -16.05
C LEU B 10 3.62 -10.73 -17.26
N ARG B 11 4.79 -11.34 -17.16
CA ARG B 11 5.27 -12.33 -18.13
C ARG B 11 5.82 -13.50 -17.35
N GLU B 12 5.87 -14.66 -18.01
CA GLU B 12 6.27 -15.93 -17.39
C GLU B 12 7.30 -16.64 -18.21
N LEU B 13 8.20 -17.33 -17.51
CA LEU B 13 9.25 -18.10 -18.12
C LEU B 13 9.58 -19.26 -17.17
N GLU B 14 9.72 -20.49 -17.69
CA GLU B 14 10.20 -21.62 -16.88
C GLU B 14 11.69 -21.56 -16.87
N VAL B 15 12.32 -21.55 -15.69
CA VAL B 15 13.77 -21.47 -15.59
C VAL B 15 14.32 -22.51 -14.61
N ARG B 16 15.55 -22.90 -14.87
CA ARG B 16 16.35 -23.68 -13.92
C ARG B 16 16.91 -22.73 -12.88
N VAL B 17 16.80 -23.09 -11.61
CA VAL B 17 17.31 -22.25 -10.54
C VAL B 17 18.81 -21.94 -10.71
N SER B 18 19.57 -22.92 -11.18
CA SER B 18 21.04 -22.77 -11.39
C SER B 18 21.41 -21.74 -12.44
N GLU B 19 20.48 -21.53 -13.37
CA GLU B 19 20.59 -20.61 -14.48
C GLU B 19 20.59 -19.15 -14.05
N LEU B 20 20.02 -18.88 -12.87
CA LEU B 20 19.87 -17.51 -12.39
C LEU B 20 21.15 -16.89 -11.83
N GLY B 21 22.18 -17.72 -11.61
CA GLY B 21 23.49 -17.20 -11.20
C GLY B 21 23.47 -16.65 -9.77
N LEU B 22 22.59 -17.20 -8.93
CA LEU B 22 22.38 -16.71 -7.59
C LEU B 22 23.09 -17.56 -6.54
N GLY B 23 23.96 -18.48 -6.97
CA GLY B 23 24.72 -19.31 -6.05
C GLY B 23 24.05 -20.60 -5.61
N TYR B 24 22.90 -20.94 -6.20
CA TYR B 24 22.20 -22.18 -5.89
C TYR B 24 22.50 -23.24 -6.90
N ALA B 25 23.15 -24.31 -6.45
CA ALA B 25 23.46 -25.44 -7.31
C ALA B 25 22.29 -26.40 -7.32
N SER B 26 21.22 -26.04 -8.03
CA SER B 26 20.03 -26.86 -8.11
C SER B 26 19.53 -26.96 -9.53
N ASP B 27 19.28 -28.19 -9.97
CA ASP B 27 18.66 -28.41 -11.28
C ASP B 27 17.13 -28.25 -11.27
N GLU B 28 16.54 -27.87 -10.12
CA GLU B 28 15.09 -27.61 -10.04
C GLU B 28 14.65 -26.48 -10.98
N THR B 29 13.39 -26.53 -11.43
CA THR B 29 12.86 -25.41 -12.21
C THR B 29 11.80 -24.64 -11.42
N VAL B 30 11.78 -23.33 -11.63
CA VAL B 30 10.77 -22.49 -11.06
C VAL B 30 10.09 -21.72 -12.18
N LEU B 31 8.87 -21.27 -11.91
CA LEU B 31 8.17 -20.40 -12.82
C LEU B 31 8.62 -19.01 -12.48
N PHE B 32 9.40 -18.39 -13.36
CA PHE B 32 9.89 -17.05 -13.10
C PHE B 32 8.93 -16.04 -13.73
N ARG B 33 8.33 -15.18 -12.91
CA ARG B 33 7.40 -14.14 -13.38
C ARG B 33 8.04 -12.76 -13.24
N TYR B 34 7.93 -11.94 -14.29
CA TYR B 34 8.50 -10.60 -14.27
C TYR B 34 7.61 -9.56 -14.97
N CYS B 35 8.00 -8.29 -14.85
CA CYS B 35 7.22 -7.18 -15.37
C CYS B 35 7.90 -6.57 -16.58
N ALA B 36 7.17 -6.51 -17.69
CA ALA B 36 7.66 -5.96 -18.95
C ALA B 36 6.52 -5.30 -19.74
N GLY B 37 6.89 -4.47 -20.72
CA GLY B 37 5.91 -3.83 -21.60
C GLY B 37 5.94 -2.31 -21.55
N ALA B 38 5.06 -1.70 -22.35
CA ALA B 38 5.03 -0.24 -22.52
C ALA B 38 4.08 0.44 -21.54
N CYS B 39 4.43 1.67 -21.17
CA CYS B 39 3.58 2.55 -20.40
C CYS B 39 3.09 3.65 -21.33
N GLU B 40 1.89 3.48 -21.86
CA GLU B 40 1.38 4.36 -22.89
C GLU B 40 0.20 5.20 -22.39
N ALA B 41 -0.15 5.09 -21.11
CA ALA B 41 -1.21 5.92 -20.57
C ALA B 41 -0.81 7.39 -20.69
N ALA B 42 -1.80 8.26 -20.78
CA ALA B 42 -1.55 9.70 -20.78
C ALA B 42 -0.74 10.09 -19.57
N ALA B 43 0.19 11.01 -19.77
CA ALA B 43 1.05 11.49 -18.70
C ALA B 43 0.27 12.10 -17.54
N ARG B 44 0.71 11.79 -16.32
CA ARG B 44 0.27 12.48 -15.11
C ARG B 44 0.58 13.96 -15.14
N VAL B 45 -0.20 14.77 -14.43
CA VAL B 45 0.13 16.20 -14.31
C VAL B 45 1.49 16.41 -13.66
N TYR B 46 1.85 15.58 -12.68
CA TYR B 46 3.19 15.59 -12.09
C TYR B 46 4.29 15.49 -13.13
N ASP B 47 4.21 14.45 -13.96
CA ASP B 47 5.22 14.24 -15.00
C ASP B 47 5.24 15.32 -16.05
N LEU B 48 4.08 15.86 -16.42
CA LEU B 48 4.04 16.98 -17.35
C LEU B 48 4.72 18.22 -16.76
N GLY B 49 4.41 18.52 -15.50
CA GLY B 49 5.08 19.64 -14.84
C GLY B 49 6.56 19.43 -14.75
N LEU B 50 6.95 18.22 -14.35
CA LEU B 50 8.36 17.89 -14.18
C LEU B 50 9.12 17.99 -15.51
N ARG B 51 8.53 17.48 -16.60
CA ARG B 51 9.15 17.60 -17.91
C ARG B 51 9.40 19.05 -18.25
N ARG B 52 8.37 19.87 -18.07
CA ARG B 52 8.48 21.26 -18.46
C ARG B 52 9.59 21.93 -17.67
N LEU B 53 9.62 21.71 -16.37
CA LEU B 53 10.64 22.30 -15.51
C LEU B 53 12.06 21.85 -15.88
N ARG B 54 12.21 20.55 -16.13
CA ARG B 54 13.48 19.99 -16.62
C ARG B 54 13.93 20.71 -17.89
N GLN B 55 13.04 20.79 -18.87
CA GLN B 55 13.34 21.44 -20.16
C GLN B 55 13.75 22.90 -20.01
N ARG B 56 13.14 23.60 -19.07
CA ARG B 56 13.46 25.01 -18.80
C ARG B 56 14.70 25.16 -17.91
N ARG B 57 15.48 24.07 -17.78
CA ARG B 57 16.68 23.99 -16.91
C ARG B 57 16.50 24.53 -15.47
N ARG B 58 15.32 24.26 -14.89
CA ARG B 58 14.97 24.73 -13.55
C ARG B 58 15.32 23.74 -12.45
N LEU B 59 15.73 22.53 -12.82
CA LEU B 59 16.00 21.48 -11.82
C LEU B 59 17.48 21.37 -11.47
N ARG B 60 17.77 20.73 -10.34
CA ARG B 60 19.15 20.58 -9.91
C ARG B 60 19.74 19.38 -10.64
N ARG B 61 20.95 19.51 -11.16
CA ARG B 61 21.54 18.47 -12.01
C ARG B 61 21.63 17.14 -11.26
N GLU B 62 20.92 16.14 -11.78
CA GLU B 62 20.60 14.93 -11.05
C GLU B 62 19.74 14.07 -11.95
N ARG B 63 19.64 12.78 -11.67
CA ARG B 63 18.76 11.93 -12.46
C ARG B 63 17.31 12.19 -12.02
N VAL B 64 16.49 12.61 -12.98
CA VAL B 64 15.12 13.00 -12.76
C VAL B 64 14.22 12.24 -13.72
N ARG B 65 13.39 11.34 -13.22
CA ARG B 65 12.46 10.55 -14.06
C ARG B 65 11.09 11.21 -14.18
N ALA B 66 10.73 11.59 -15.40
CA ALA B 66 9.49 12.32 -15.66
C ALA B 66 8.58 11.48 -16.54
N GLN B 67 8.61 10.17 -16.31
CA GLN B 67 7.95 9.20 -17.12
C GLN B 67 7.91 7.93 -16.28
N PRO B 68 6.79 7.20 -16.31
CA PRO B 68 6.67 6.03 -15.44
C PRO B 68 7.54 4.87 -15.90
N CYS B 69 7.80 3.96 -14.96
CA CYS B 69 8.53 2.72 -15.24
C CYS B 69 7.63 1.51 -15.02
N CYS B 70 7.66 0.56 -15.95
CA CYS B 70 7.02 -0.74 -15.77
C CYS B 70 7.84 -1.61 -14.80
N ARG B 71 7.33 -1.75 -13.59
CA ARG B 71 8.03 -2.43 -12.52
C ARG B 71 7.03 -3.17 -11.66
N PRO B 72 7.54 -4.14 -10.87
CA PRO B 72 6.67 -4.84 -9.96
C PRO B 72 6.20 -3.93 -8.81
N THR B 73 4.97 -4.13 -8.38
CA THR B 73 4.43 -3.45 -7.22
C THR B 73 4.17 -4.46 -6.11
N ALA B 74 4.25 -5.76 -6.44
CA ALA B 74 4.23 -6.81 -5.44
C ALA B 74 5.09 -7.97 -5.93
N TYR B 75 5.62 -8.74 -4.98
CA TYR B 75 6.51 -9.87 -5.28
C TYR B 75 6.00 -11.20 -4.73
N GLU B 76 6.45 -12.28 -5.35
CA GLU B 76 6.23 -13.63 -4.87
C GLU B 76 6.67 -13.73 -3.40
N ASP B 77 5.85 -14.43 -2.63
CA ASP B 77 6.07 -14.66 -1.23
C ASP B 77 7.35 -15.51 -1.03
N GLU B 78 7.33 -16.72 -1.58
CA GLU B 78 8.48 -17.60 -1.48
C GLU B 78 8.40 -18.75 -2.49
N VAL B 79 9.54 -19.35 -2.79
CA VAL B 79 9.57 -20.58 -3.57
C VAL B 79 10.76 -21.39 -3.05
N SER B 80 10.67 -22.71 -3.13
CA SER B 80 11.71 -23.52 -2.52
C SER B 80 12.21 -24.57 -3.48
N PHE B 81 13.35 -25.15 -3.15
CA PHE B 81 13.90 -26.20 -3.95
C PHE B 81 15.01 -26.93 -3.20
N LEU B 82 15.28 -28.15 -3.65
CA LEU B 82 16.38 -28.97 -3.16
C LEU B 82 17.58 -28.80 -4.10
N ASP B 83 18.77 -28.60 -3.53
CA ASP B 83 19.98 -28.48 -4.32
C ASP B 83 20.74 -29.81 -4.49
N ALA B 84 21.85 -29.75 -5.22
CA ALA B 84 22.62 -30.95 -5.60
C ALA B 84 23.33 -31.60 -4.39
N HIS B 85 23.50 -30.86 -3.30
CA HIS B 85 24.07 -31.42 -2.09
C HIS B 85 22.99 -31.85 -1.11
N SER B 86 21.75 -32.00 -1.60
CA SER B 86 20.63 -32.41 -0.78
C SER B 86 20.29 -31.45 0.36
N ARG B 87 20.45 -30.16 0.13
CA ARG B 87 20.01 -29.14 1.07
C ARG B 87 18.89 -28.33 0.43
N TYR B 88 17.87 -28.01 1.23
CA TYR B 88 16.72 -27.22 0.77
C TYR B 88 17.01 -25.74 0.92
N HIS B 89 16.45 -24.94 0.01
CA HIS B 89 16.52 -23.50 0.09
C HIS B 89 15.15 -22.91 -0.16
N THR B 90 14.90 -21.77 0.46
CA THR B 90 13.70 -20.99 0.22
C THR B 90 14.12 -19.56 -0.15
N VAL B 91 13.61 -19.06 -1.27
CA VAL B 91 13.95 -17.72 -1.76
C VAL B 91 12.70 -16.85 -1.74
N HIS B 92 12.84 -15.64 -1.19
CA HIS B 92 11.75 -14.69 -1.07
C HIS B 92 11.82 -13.61 -2.15
N GLU B 93 10.66 -13.27 -2.71
CA GLU B 93 10.53 -12.18 -3.67
C GLU B 93 11.38 -12.42 -4.91
N LEU B 94 11.47 -13.68 -5.33
CA LEU B 94 12.25 -13.99 -6.54
C LEU B 94 11.54 -13.47 -7.79
N SER B 95 10.25 -13.74 -7.89
CA SER B 95 9.42 -13.35 -9.02
C SER B 95 8.54 -12.18 -8.66
N ALA B 96 8.12 -11.42 -9.68
CA ALA B 96 7.07 -10.42 -9.52
C ALA B 96 5.71 -11.10 -9.33
N ARG B 97 4.82 -10.48 -8.56
CA ARG B 97 3.44 -10.95 -8.43
C ARG B 97 2.44 -9.98 -9.07
N GLU B 98 2.74 -8.68 -9.07
CA GLU B 98 1.91 -7.68 -9.74
C GLU B 98 2.83 -6.64 -10.41
N CYS B 99 2.34 -6.03 -11.49
CA CYS B 99 3.07 -5.03 -12.26
C CYS B 99 2.26 -3.74 -12.43
N ALA B 100 2.94 -2.60 -12.45
CA ALA B 100 2.29 -1.35 -12.84
C ALA B 100 3.32 -0.40 -13.43
N CYS B 101 2.82 0.63 -14.11
CA CYS B 101 3.62 1.74 -14.57
C CYS B 101 3.65 2.73 -13.41
N VAL B 102 4.81 2.84 -12.79
CA VAL B 102 4.95 3.61 -11.57
C VAL B 102 5.76 4.85 -11.92
N ASN C 13 1.72 41.98 -6.80
CA ASN C 13 0.94 42.71 -5.77
C ASN C 13 1.00 42.02 -4.41
N HIS C 14 0.60 42.73 -3.35
CA HIS C 14 0.70 42.19 -1.99
C HIS C 14 -0.20 40.99 -1.73
N CYS C 15 -1.33 40.94 -2.43
CA CYS C 15 -2.25 39.81 -2.28
C CYS C 15 -1.70 38.54 -2.94
N LEU C 16 -1.00 38.69 -4.07
CA LEU C 16 -0.33 37.57 -4.72
C LEU C 16 0.84 37.08 -3.86
N ASP C 17 1.58 38.02 -3.27
CA ASP C 17 2.64 37.67 -2.30
C ASP C 17 2.07 36.88 -1.12
N ALA C 18 0.92 37.31 -0.58
CA ALA C 18 0.26 36.60 0.51
C ALA C 18 -0.15 35.15 0.15
N ALA C 19 -0.70 34.96 -1.05
CA ALA C 19 -1.08 33.61 -1.47
C ALA C 19 0.16 32.71 -1.56
N LYS C 20 1.26 33.26 -2.09
CA LYS C 20 2.54 32.59 -2.18
C LYS C 20 3.07 32.12 -0.81
N ALA C 21 3.18 33.03 0.15
CA ALA C 21 3.57 32.66 1.51
C ALA C 21 2.65 31.56 2.09
N CYS C 22 1.36 31.63 1.83
CA CYS C 22 0.45 30.58 2.31
C CYS C 22 0.76 29.24 1.64
N ASN C 23 0.80 29.23 0.32
CA ASN C 23 1.03 27.98 -0.43
C ASN C 23 2.40 27.34 -0.10
N LEU C 24 3.39 28.16 0.23
CA LEU C 24 4.72 27.68 0.64
C LEU C 24 4.78 27.14 2.07
N ASN C 25 3.69 27.28 2.82
CA ASN C 25 3.57 26.74 4.16
C ASN C 25 2.58 25.56 4.13
N ASP C 26 3.06 24.39 4.54
CA ASP C 26 2.29 23.14 4.41
C ASP C 26 0.91 23.19 5.01
N ASN C 27 0.82 23.65 6.25
CA ASN C 27 -0.45 23.77 6.95
C ASN C 27 -1.39 24.78 6.26
N CYS C 28 -0.88 25.96 5.94
CA CYS C 28 -1.71 27.01 5.31
C CYS C 28 -2.20 26.51 3.96
N LYS C 29 -1.29 25.97 3.16
CA LYS C 29 -1.68 25.51 1.84
C LYS C 29 -2.76 24.41 1.88
N LYS C 30 -2.68 23.50 2.85
CA LYS C 30 -3.68 22.44 2.98
C LYS C 30 -5.03 23.00 3.37
N LEU C 31 -5.04 23.88 4.37
CA LEU C 31 -6.31 24.40 4.89
C LEU C 31 -6.91 25.42 3.93
N ARG C 32 -6.05 26.11 3.18
CA ARG C 32 -6.50 27.00 2.12
C ARG C 32 -7.13 26.19 1.01
N SER C 33 -6.41 25.19 0.50
CA SER C 33 -6.97 24.36 -0.58
C SER C 33 -8.27 23.69 -0.13
N SER C 34 -8.34 23.25 1.11
CA SER C 34 -9.54 22.58 1.58
C SER C 34 -10.75 23.51 1.50
N TYR C 35 -10.64 24.77 1.96
CA TYR C 35 -11.82 25.63 1.92
C TYR C 35 -12.12 26.00 0.47
N ILE C 36 -11.08 26.20 -0.35
CA ILE C 36 -11.28 26.50 -1.77
C ILE C 36 -11.99 25.35 -2.49
N SER C 37 -11.52 24.12 -2.31
CA SER C 37 -12.13 23.01 -3.04
C SER C 37 -13.56 22.74 -2.56
N ILE C 38 -13.83 22.86 -1.26
CA ILE C 38 -15.21 22.74 -0.75
C ILE C 38 -16.08 23.89 -1.23
N CYS C 39 -15.65 25.14 -1.00
CA CYS C 39 -16.46 26.29 -1.36
C CYS C 39 -16.71 26.42 -2.85
N ASN C 40 -15.78 25.94 -3.67
CA ASN C 40 -15.88 26.09 -5.12
C ASN C 40 -16.72 25.00 -5.80
N ARG C 41 -17.07 23.95 -5.06
CA ARG C 41 -17.73 22.76 -5.63
C ARG C 41 -19.25 22.96 -5.79
N GLU C 42 -19.71 23.02 -7.05
CA GLU C 42 -21.15 23.16 -7.35
C GLU C 42 -21.93 21.89 -7.03
N ILE C 43 -23.09 22.04 -6.40
CA ILE C 43 -23.94 20.90 -6.05
C ILE C 43 -24.95 20.62 -7.17
N SER C 44 -25.56 21.68 -7.69
CA SER C 44 -26.56 21.57 -8.76
C SER C 44 -26.66 22.93 -9.46
N PRO C 45 -27.35 22.98 -10.62
CA PRO C 45 -27.48 24.28 -11.28
C PRO C 45 -28.09 25.36 -10.38
N THR C 46 -28.86 24.95 -9.37
CA THR C 46 -29.56 25.88 -8.50
C THR C 46 -28.86 26.09 -7.14
N GLU C 47 -27.87 25.25 -6.82
CA GLU C 47 -27.15 25.32 -5.54
C GLU C 47 -25.65 25.45 -5.79
N ARG C 48 -25.12 26.65 -5.66
CA ARG C 48 -23.77 26.89 -6.15
C ARG C 48 -22.68 26.27 -5.24
N CYS C 49 -23.02 25.93 -4.00
CA CYS C 49 -22.11 25.17 -3.14
C CYS C 49 -22.82 24.65 -1.92
N ASN C 50 -22.14 23.77 -1.18
CA ASN C 50 -22.57 23.44 0.17
C ASN C 50 -22.07 24.55 1.12
N ARG C 51 -22.97 25.45 1.47
CA ARG C 51 -22.61 26.63 2.24
C ARG C 51 -22.13 26.28 3.65
N ARG C 52 -22.87 25.41 4.32
CA ARG C 52 -22.53 25.03 5.69
C ARG C 52 -21.10 24.51 5.73
N LYS C 53 -20.77 23.65 4.76
CA LYS C 53 -19.48 22.98 4.72
C LYS C 53 -18.36 23.96 4.38
N CYS C 54 -18.66 24.90 3.50
CA CYS C 54 -17.75 25.98 3.15
C CYS C 54 -17.43 26.87 4.36
N HIS C 55 -18.48 27.27 5.07
CA HIS C 55 -18.33 28.09 6.28
C HIS C 55 -17.49 27.39 7.32
N LYS C 56 -17.76 26.10 7.54
CA LYS C 56 -16.94 25.30 8.46
C LYS C 56 -15.48 25.29 8.05
N ALA C 57 -15.21 25.10 6.76
CA ALA C 57 -13.84 25.06 6.28
C ALA C 57 -13.13 26.44 6.41
N LEU C 58 -13.90 27.53 6.22
CA LEU C 58 -13.42 28.89 6.43
C LEU C 58 -13.06 29.13 7.90
N ARG C 59 -13.95 28.75 8.81
CA ARG C 59 -13.68 28.87 10.24
C ARG C 59 -12.39 28.13 10.62
N GLN C 60 -12.24 26.93 10.08
CA GLN C 60 -11.04 26.13 10.32
C GLN C 60 -9.78 26.78 9.82
N PHE C 61 -9.87 27.44 8.68
CA PHE C 61 -8.71 28.10 8.10
C PHE C 61 -8.25 29.23 9.01
N PHE C 62 -9.20 30.09 9.41
CA PHE C 62 -8.86 31.25 10.26
C PHE C 62 -8.51 30.87 11.69
N ASP C 63 -9.05 29.75 12.18
CA ASP C 63 -8.74 29.28 13.54
C ASP C 63 -7.40 28.55 13.61
N ARG C 64 -7.08 27.76 12.59
CA ARG C 64 -5.93 26.86 12.68
C ARG C 64 -4.72 27.28 11.86
N VAL C 65 -4.80 28.40 11.16
CA VAL C 65 -3.63 28.93 10.47
C VAL C 65 -3.26 30.23 11.16
N PRO C 66 -1.97 30.45 11.43
CA PRO C 66 -1.65 31.70 12.16
C PRO C 66 -2.01 32.97 11.39
N SER C 67 -2.31 34.03 12.12
CA SER C 67 -2.74 35.28 11.55
C SER C 67 -1.68 35.87 10.65
N GLU C 68 -0.40 35.58 10.90
CA GLU C 68 0.66 36.05 9.98
C GLU C 68 0.40 35.67 8.53
N TYR C 69 -0.21 34.50 8.29
CA TYR C 69 -0.59 34.14 6.91
C TYR C 69 -1.95 34.64 6.52
N THR C 70 -2.85 34.57 7.48
CA THR C 70 -4.28 34.68 7.26
C THR C 70 -4.71 36.16 7.05
N TYR C 71 -4.18 37.05 7.89
CA TYR C 71 -4.47 38.49 7.83
C TYR C 71 -3.78 39.11 6.63
N ARG C 72 -2.66 38.54 6.25
CA ARG C 72 -1.95 39.01 5.07
C ARG C 72 -2.77 38.80 3.80
N MET C 73 -3.46 37.68 3.72
CA MET C 73 -4.34 37.43 2.58
C MET C 73 -5.61 38.30 2.64
N LEU C 74 -6.19 38.45 3.84
CA LEU C 74 -7.49 39.10 3.99
C LEU C 74 -7.40 40.63 3.87
N PHE C 75 -6.28 41.18 4.32
CA PHE C 75 -6.12 42.61 4.44
C PHE C 75 -4.96 43.18 3.60
N CYS C 76 -4.49 42.44 2.60
CA CYS C 76 -3.40 42.92 1.75
C CYS C 76 -3.77 44.24 1.03
N SER C 77 -2.82 45.19 1.02
CA SER C 77 -2.88 46.43 0.22
C SER C 77 -2.96 46.20 -1.27
N CYS C 78 -3.72 47.03 -1.97
CA CYS C 78 -3.85 46.96 -3.42
C CYS C 78 -3.82 48.33 -4.07
N GLN C 79 -3.19 48.41 -5.24
CA GLN C 79 -3.23 49.61 -6.07
C GLN C 79 -4.09 49.43 -7.31
N ASP C 80 -4.45 48.20 -7.65
CA ASP C 80 -5.21 47.97 -8.88
C ASP C 80 -6.31 46.96 -8.71
N GLN C 81 -7.11 46.82 -9.76
CA GLN C 81 -8.28 45.99 -9.73
C GLN C 81 -7.96 44.50 -9.65
N ALA C 82 -6.87 44.08 -10.28
CA ALA C 82 -6.48 42.66 -10.25
C ALA C 82 -6.23 42.23 -8.79
N CYS C 83 -5.44 43.03 -8.08
CA CYS C 83 -5.16 42.80 -6.67
C CYS C 83 -6.44 42.82 -5.82
N ALA C 84 -7.31 43.80 -6.05
CA ALA C 84 -8.49 43.97 -5.21
C ALA C 84 -9.51 42.86 -5.45
N GLU C 85 -9.58 42.38 -6.69
CA GLU C 85 -10.47 41.28 -7.00
C GLU C 85 -9.95 39.99 -6.32
N ARG C 86 -8.64 39.82 -6.32
CA ARG C 86 -8.02 38.71 -5.59
C ARG C 86 -8.40 38.74 -4.11
N ARG C 87 -8.19 39.91 -3.49
CA ARG C 87 -8.58 40.14 -2.11
C ARG C 87 -10.05 39.82 -1.85
N ARG C 88 -10.92 40.36 -2.69
CA ARG C 88 -12.38 40.09 -2.60
C ARG C 88 -12.68 38.60 -2.65
N GLN C 89 -11.85 37.86 -3.39
CA GLN C 89 -12.08 36.43 -3.63
C GLN C 89 -11.54 35.51 -2.54
N THR C 90 -10.81 36.06 -1.56
CA THR C 90 -10.21 35.28 -0.49
C THR C 90 -11.18 34.28 0.15
N ILE C 91 -12.38 34.72 0.51
CA ILE C 91 -13.36 33.84 1.15
C ILE C 91 -14.27 33.09 0.15
N LEU C 92 -13.98 33.21 -1.14
CA LEU C 92 -14.81 32.63 -2.18
C LEU C 92 -16.27 33.05 -1.97
N PRO C 93 -16.51 34.38 -2.07
CA PRO C 93 -17.82 34.96 -1.72
C PRO C 93 -19.02 34.45 -2.51
N SER C 94 -18.85 34.00 -3.76
CA SER C 94 -19.99 33.51 -4.54
C SER C 94 -20.64 32.33 -3.82
N CYS C 95 -19.87 31.63 -2.98
CA CYS C 95 -20.43 30.59 -2.12
C CYS C 95 -20.74 31.05 -0.69
N SER C 96 -19.77 31.71 -0.08
CA SER C 96 -19.80 31.95 1.36
C SER C 96 -20.50 33.22 1.82
N TYR C 97 -20.76 34.13 0.88
CA TYR C 97 -21.14 35.50 1.21
C TYR C 97 -22.45 35.86 0.53
N GLU C 98 -22.46 35.78 -0.79
CA GLU C 98 -23.63 36.09 -1.58
C GLU C 98 -24.70 35.06 -1.45
N ASP C 99 -25.90 35.50 -1.78
CA ASP C 99 -27.06 34.67 -1.62
C ASP C 99 -28.18 35.24 -2.45
N LYS C 100 -29.07 34.34 -2.82
CA LYS C 100 -30.19 34.64 -3.68
C LYS C 100 -31.08 35.65 -2.97
N GLU C 101 -31.17 35.54 -1.65
CA GLU C 101 -31.94 36.49 -0.85
C GLU C 101 -31.09 37.32 0.10
N LYS C 102 -31.19 38.63 -0.04
CA LYS C 102 -30.47 39.57 0.81
C LYS C 102 -31.34 40.01 1.98
N PRO C 103 -31.11 39.46 3.18
CA PRO C 103 -31.99 39.78 4.31
C PRO C 103 -31.87 41.22 4.81
N ASN C 104 -32.81 41.61 5.67
CA ASN C 104 -32.72 42.85 6.42
C ASN C 104 -31.62 42.67 7.47
N CYS C 105 -30.77 43.67 7.64
CA CYS C 105 -29.62 43.52 8.56
C CYS C 105 -30.03 43.22 10.00
N LEU C 106 -31.17 43.74 10.46
CA LEU C 106 -31.63 43.46 11.82
C LEU C 106 -32.15 42.01 11.95
N ASP C 107 -32.84 41.51 10.93
CA ASP C 107 -33.22 40.10 10.91
C ASP C 107 -31.97 39.22 10.99
N LEU C 108 -30.98 39.53 10.14
CA LEU C 108 -29.73 38.77 10.15
C LEU C 108 -29.04 38.82 11.52
N ARG C 109 -28.98 40.01 12.11
CA ARG C 109 -28.44 40.18 13.46
C ARG C 109 -29.18 39.26 14.45
N GLY C 110 -30.50 39.21 14.31
CA GLY C 110 -31.31 38.29 15.12
C GLY C 110 -30.89 36.84 14.91
N VAL C 111 -30.78 36.41 13.66
CA VAL C 111 -30.34 35.05 13.35
C VAL C 111 -28.98 34.80 14.01
N CYS C 112 -28.04 35.73 13.78
CA CYS C 112 -26.70 35.60 14.35
C CYS C 112 -26.75 35.42 15.87
N ARG C 113 -27.62 36.18 16.51
CA ARG C 113 -27.68 36.16 17.97
C ARG C 113 -28.29 34.89 18.59
N THR C 114 -28.96 34.06 17.79
CA THR C 114 -29.43 32.75 18.27
C THR C 114 -28.29 31.76 18.35
N ASP C 115 -27.23 32.00 17.58
CA ASP C 115 -26.03 31.16 17.64
C ASP C 115 -25.09 31.72 18.71
N HIS C 116 -24.77 30.87 19.68
CA HIS C 116 -23.91 31.23 20.80
C HIS C 116 -22.62 31.90 20.34
N LEU C 117 -21.98 31.33 19.31
CA LEU C 117 -20.64 31.76 18.89
C LEU C 117 -20.71 32.99 18.00
N CYS C 118 -21.64 33.02 17.06
CA CYS C 118 -21.90 34.23 16.27
C CYS C 118 -22.18 35.42 17.19
N ARG C 119 -23.01 35.21 18.21
CA ARG C 119 -23.42 36.27 19.13
C ARG C 119 -22.19 36.87 19.81
N SER C 120 -21.35 35.98 20.33
CA SER C 120 -20.08 36.33 20.95
C SER C 120 -19.05 36.99 19.99
N ARG C 121 -18.91 36.45 18.78
CA ARG C 121 -17.99 37.02 17.79
C ARG C 121 -18.45 38.42 17.34
N LEU C 122 -19.74 38.59 17.12
CA LEU C 122 -20.30 39.89 16.82
C LEU C 122 -20.02 40.87 17.96
N ALA C 123 -20.22 40.44 19.20
CA ALA C 123 -19.97 41.30 20.34
C ALA C 123 -18.50 41.70 20.46
N ASP C 124 -17.60 40.76 20.15
CA ASP C 124 -16.17 41.07 20.07
C ASP C 124 -15.88 42.14 19.01
N PHE C 125 -16.49 42.00 17.84
CA PHE C 125 -16.34 42.95 16.75
C PHE C 125 -16.80 44.33 17.17
N HIS C 126 -17.95 44.40 17.82
CA HIS C 126 -18.48 45.66 18.32
C HIS C 126 -17.53 46.29 19.30
N ALA C 127 -17.05 45.50 20.25
CA ALA C 127 -16.18 46.00 21.30
C ALA C 127 -14.82 46.47 20.78
N ASN C 128 -14.27 45.73 19.85
CA ASN C 128 -12.92 46.02 19.35
C ASN C 128 -12.87 46.97 18.15
N CYS C 129 -13.94 47.00 17.34
CA CYS C 129 -13.94 47.78 16.09
C CYS C 129 -14.84 49.00 16.07
N ARG C 130 -15.85 49.08 16.94
CA ARG C 130 -16.67 50.29 16.96
C ARG C 130 -15.74 51.49 17.19
N ALA C 131 -15.98 52.55 16.41
CA ALA C 131 -15.12 53.72 16.35
C ALA C 131 -15.17 54.55 17.62
N SER C 132 -14.02 55.06 18.04
CA SER C 132 -13.91 56.07 19.07
C SER C 132 -13.61 57.41 18.41
N TYR C 133 -14.20 58.47 18.96
CA TYR C 133 -13.99 59.82 18.46
C TYR C 133 -12.78 60.47 19.13
N GLN C 134 -12.08 59.72 19.98
CA GLN C 134 -11.03 60.28 20.85
C GLN C 134 -9.60 59.85 20.50
N THR C 135 -9.43 58.87 19.61
CA THR C 135 -8.09 58.30 19.33
C THR C 135 -7.61 58.67 17.93
N VAL C 136 -6.30 58.71 17.74
CA VAL C 136 -5.75 59.08 16.44
C VAL C 136 -6.17 58.11 15.32
N THR C 137 -6.42 56.86 15.66
CA THR C 137 -6.79 55.82 14.71
C THR C 137 -8.29 55.58 14.56
N SER C 138 -9.07 56.24 15.42
CA SER C 138 -10.50 55.94 15.63
C SER C 138 -10.78 54.57 16.21
N CYS C 139 -9.75 53.77 16.54
CA CYS C 139 -9.96 52.52 17.24
C CYS C 139 -9.71 52.71 18.71
N PRO C 140 -10.42 51.93 19.56
CA PRO C 140 -10.17 52.00 20.98
C PRO C 140 -8.72 51.59 21.29
N ALA C 141 -8.06 52.37 22.13
CA ALA C 141 -6.68 52.15 22.52
C ALA C 141 -5.75 52.07 21.34
N ASP C 142 -6.18 52.58 20.19
CA ASP C 142 -5.40 52.48 18.93
C ASP C 142 -5.02 51.05 18.63
N ASN C 143 -5.89 50.12 18.97
CA ASN C 143 -5.58 48.70 18.85
C ASN C 143 -6.18 48.14 17.55
N TYR C 144 -5.44 48.35 16.47
CA TYR C 144 -5.76 47.78 15.16
C TYR C 144 -5.89 46.26 15.18
N GLN C 145 -4.90 45.57 15.77
CA GLN C 145 -4.86 44.10 15.75
C GLN C 145 -6.11 43.42 16.29
N ALA C 146 -6.58 43.86 17.47
CA ALA C 146 -7.80 43.29 18.06
C ALA C 146 -9.06 43.51 17.23
N CYS C 147 -9.14 44.65 16.55
CA CYS C 147 -10.25 44.85 15.62
C CYS C 147 -10.14 43.87 14.44
N LEU C 148 -8.94 43.76 13.85
CA LEU C 148 -8.78 42.92 12.66
C LEU C 148 -9.14 41.47 12.99
N GLY C 149 -8.68 41.01 14.16
CA GLY C 149 -8.98 39.68 14.61
C GLY C 149 -10.46 39.44 14.82
N SER C 150 -11.15 40.44 15.36
CA SER C 150 -12.60 40.32 15.58
C SER C 150 -13.34 40.36 14.27
N TYR C 151 -12.84 41.12 13.29
CA TYR C 151 -13.45 41.10 11.96
C TYR C 151 -13.30 39.71 11.37
N ALA C 152 -12.07 39.19 11.37
CA ALA C 152 -11.80 37.86 10.79
C ALA C 152 -12.60 36.77 11.51
N GLY C 153 -12.81 36.96 12.81
CA GLY C 153 -13.60 36.03 13.61
C GLY C 153 -15.08 35.90 13.25
N MET C 154 -15.60 36.76 12.38
CA MET C 154 -16.98 36.64 11.94
C MET C 154 -17.17 35.89 10.62
N ILE C 155 -16.07 35.56 9.95
CA ILE C 155 -16.11 34.85 8.68
C ILE C 155 -16.45 33.35 8.92
N GLY C 156 -17.43 32.84 8.17
CA GLY C 156 -17.92 31.49 8.36
C GLY C 156 -19.09 31.37 9.34
N PHE C 157 -19.70 32.51 9.67
CA PHE C 157 -20.92 32.61 10.50
C PHE C 157 -21.99 33.31 9.67
N ASP C 158 -23.19 33.41 10.22
CA ASP C 158 -24.32 34.07 9.56
C ASP C 158 -23.99 35.53 9.19
N MET C 159 -23.14 36.16 9.99
CA MET C 159 -22.76 37.56 9.82
C MET C 159 -21.46 37.73 9.00
N THR C 160 -21.15 36.81 8.09
CA THR C 160 -19.88 36.83 7.34
C THR C 160 -19.73 38.14 6.58
N PRO C 161 -18.68 38.91 6.91
CA PRO C 161 -18.47 40.14 6.14
C PRO C 161 -17.55 39.94 4.94
N ASN C 162 -17.69 40.77 3.90
CA ASN C 162 -16.70 40.85 2.83
C ASN C 162 -16.61 42.21 2.17
N TYR C 163 -15.48 42.39 1.49
CA TYR C 163 -15.33 43.45 0.51
C TYR C 163 -16.48 43.36 -0.49
N VAL C 164 -17.14 44.49 -0.72
CA VAL C 164 -18.36 44.49 -1.52
C VAL C 164 -18.04 44.54 -3.00
N ASP C 165 -16.85 45.01 -3.37
CA ASP C 165 -16.46 45.10 -4.78
C ASP C 165 -14.93 45.05 -4.91
N SER C 166 -14.41 45.36 -6.09
CA SER C 166 -12.96 45.31 -6.33
C SER C 166 -12.31 46.69 -6.38
N SER C 167 -12.87 47.63 -5.63
CA SER C 167 -12.24 48.93 -5.48
C SER C 167 -10.90 48.73 -4.77
N PRO C 168 -9.80 49.24 -5.34
CA PRO C 168 -8.49 48.99 -4.74
C PRO C 168 -8.23 49.68 -3.41
N THR C 169 -8.49 50.99 -3.35
CA THR C 169 -8.25 51.75 -2.10
C THR C 169 -9.54 52.20 -1.42
N GLY C 170 -10.59 52.40 -2.19
CA GLY C 170 -11.90 52.68 -1.63
C GLY C 170 -12.56 51.45 -1.07
N ILE C 171 -12.02 50.92 0.02
CA ILE C 171 -12.48 49.67 0.60
C ILE C 171 -13.82 49.89 1.28
N VAL C 172 -14.80 49.06 0.93
CA VAL C 172 -16.05 49.00 1.67
C VAL C 172 -16.32 47.55 1.99
N VAL C 173 -16.50 47.27 3.29
CA VAL C 173 -16.89 45.92 3.73
C VAL C 173 -18.26 45.96 4.35
N SER C 174 -18.95 44.82 4.27
CA SER C 174 -20.31 44.67 4.74
C SER C 174 -20.73 43.21 4.88
N PRO C 175 -21.66 42.92 5.80
CA PRO C 175 -22.29 41.62 5.75
C PRO C 175 -23.24 41.58 4.58
N TRP C 176 -23.76 40.42 4.22
CA TRP C 176 -24.74 40.32 3.13
C TRP C 176 -26.14 40.62 3.71
N CYS C 177 -26.49 41.90 3.73
CA CYS C 177 -27.79 42.34 4.16
C CYS C 177 -28.01 43.80 3.74
N SER C 178 -29.26 44.25 3.78
CA SER C 178 -29.56 45.68 3.57
C SER C 178 -30.55 46.16 4.61
N CYS C 179 -30.76 47.46 4.62
CA CYS C 179 -31.68 48.10 5.55
C CYS C 179 -33.05 48.46 4.93
N ARG C 180 -33.30 47.97 3.72
CA ARG C 180 -34.63 48.04 3.12
C ARG C 180 -35.57 47.09 3.85
N GLY C 181 -36.83 47.48 4.01
CA GLY C 181 -37.83 46.69 4.73
C GLY C 181 -37.64 46.74 6.24
N SER C 182 -37.05 47.83 6.73
CA SER C 182 -36.86 48.03 8.17
C SER C 182 -38.11 48.60 8.87
N GLY C 183 -39.04 49.17 8.10
CA GLY C 183 -40.24 49.79 8.66
C GLY C 183 -39.87 50.99 9.52
N ASN C 184 -40.23 50.91 10.80
CA ASN C 184 -39.95 51.97 11.78
C ASN C 184 -38.56 51.86 12.41
N MET C 185 -37.82 50.79 12.07
CA MET C 185 -36.53 50.50 12.70
C MET C 185 -35.37 50.84 11.76
N GLU C 186 -35.61 51.72 10.80
CA GLU C 186 -34.64 52.06 9.78
C GLU C 186 -33.37 52.71 10.33
N GLU C 187 -33.52 53.57 11.33
CA GLU C 187 -32.36 54.25 11.90
C GLU C 187 -31.50 53.23 12.64
N GLU C 188 -32.14 52.39 13.44
CA GLU C 188 -31.47 51.34 14.19
C GLU C 188 -30.67 50.42 13.26
N CYS C 189 -31.27 50.05 12.13
CA CYS C 189 -30.67 49.14 11.16
C CYS C 189 -29.43 49.77 10.55
N GLU C 190 -29.57 50.99 10.05
CA GLU C 190 -28.45 51.69 9.43
C GLU C 190 -27.30 51.98 10.41
N LYS C 191 -27.61 52.22 11.67
CA LYS C 191 -26.56 52.42 12.67
C LYS C 191 -25.78 51.14 12.87
N PHE C 192 -26.50 50.01 12.91
CA PHE C 192 -25.88 48.70 13.04
C PHE C 192 -24.98 48.44 11.85
N LEU C 193 -25.51 48.67 10.65
CA LEU C 193 -24.78 48.39 9.42
C LEU C 193 -23.54 49.26 9.29
N ARG C 194 -23.62 50.51 9.76
CA ARG C 194 -22.49 51.44 9.63
C ARG C 194 -21.24 51.04 10.41
N ASP C 195 -21.38 50.17 11.40
CA ASP C 195 -20.22 49.67 12.13
C ASP C 195 -19.32 48.82 11.22
N PHE C 196 -19.92 48.29 10.15
CA PHE C 196 -19.19 47.60 9.08
C PHE C 196 -18.83 48.57 7.97
N THR C 197 -19.85 49.23 7.42
CA THR C 197 -19.71 49.94 6.16
C THR C 197 -19.09 51.31 6.24
N GLU C 198 -19.20 51.99 7.39
CA GLU C 198 -18.77 53.38 7.51
C GLU C 198 -18.07 53.60 8.85
N ASN C 199 -17.04 52.81 9.09
CA ASN C 199 -16.38 52.78 10.37
C ASN C 199 -14.91 53.15 10.17
N PRO C 200 -14.50 54.32 10.65
CA PRO C 200 -13.15 54.80 10.43
C PRO C 200 -12.12 53.95 11.14
N CYS C 201 -12.51 53.25 12.22
CA CYS C 201 -11.60 52.35 12.91
C CYS C 201 -11.24 51.19 12.02
N LEU C 202 -12.29 50.54 11.49
CA LEU C 202 -12.11 49.39 10.62
C LEU C 202 -11.36 49.78 9.34
N ARG C 203 -11.76 50.87 8.73
CA ARG C 203 -11.05 51.45 7.57
C ARG C 203 -9.56 51.59 7.83
N ASN C 204 -9.23 52.24 8.93
CA ASN C 204 -7.83 52.52 9.25
C ASN C 204 -7.06 51.28 9.62
N ALA C 205 -7.69 50.36 10.33
CA ALA C 205 -7.04 49.12 10.67
C ALA C 205 -6.65 48.32 9.44
N ILE C 206 -7.59 48.17 8.50
CA ILE C 206 -7.33 47.42 7.29
C ILE C 206 -6.24 48.11 6.46
N GLN C 207 -6.34 49.43 6.33
CA GLN C 207 -5.35 50.20 5.58
C GLN C 207 -3.97 50.15 6.18
N ALA C 208 -3.89 50.23 7.50
CA ALA C 208 -2.60 50.23 8.16
C ALA C 208 -1.94 48.86 8.08
N PHE C 209 -2.71 47.80 7.87
CA PHE C 209 -2.12 46.49 7.86
C PHE C 209 -1.14 46.30 6.70
N GLY C 210 -1.50 46.78 5.52
CA GLY C 210 -0.62 46.68 4.35
C GLY C 210 0.32 47.87 4.19
N ASN D 13 15.79 -37.03 -13.75
CA ASN D 13 15.14 -38.19 -13.08
C ASN D 13 13.65 -37.90 -12.78
N HIS D 14 12.90 -38.95 -12.45
CA HIS D 14 11.46 -38.80 -12.27
C HIS D 14 11.14 -37.91 -11.05
N CYS D 15 12.01 -37.90 -10.08
CA CYS D 15 11.78 -37.12 -8.85
C CYS D 15 11.99 -35.63 -9.11
N LEU D 16 13.01 -35.30 -9.90
CA LEU D 16 13.21 -33.93 -10.37
C LEU D 16 12.03 -33.44 -11.22
N ASP D 17 11.52 -34.32 -12.09
CA ASP D 17 10.36 -34.01 -12.93
C ASP D 17 9.12 -33.70 -12.08
N ALA D 18 8.95 -34.48 -11.01
CA ALA D 18 7.85 -34.31 -10.05
C ALA D 18 7.92 -32.97 -9.31
N ALA D 19 9.13 -32.57 -8.90
CA ALA D 19 9.32 -31.28 -8.26
C ALA D 19 8.97 -30.14 -9.22
N LYS D 20 9.38 -30.30 -10.49
CA LYS D 20 9.07 -29.34 -11.53
C LYS D 20 7.57 -29.14 -11.72
N ALA D 21 6.83 -30.22 -11.92
CA ALA D 21 5.39 -30.13 -12.04
C ALA D 21 4.78 -29.41 -10.83
N CYS D 22 5.28 -29.70 -9.63
CA CYS D 22 4.76 -29.06 -8.44
C CYS D 22 5.03 -27.57 -8.48
N ASN D 23 6.29 -27.20 -8.67
CA ASN D 23 6.65 -25.79 -8.67
C ASN D 23 5.93 -24.97 -9.76
N LEU D 24 5.62 -25.60 -10.89
CA LEU D 24 4.88 -24.93 -11.99
C LEU D 24 3.36 -24.86 -11.79
N ASN D 25 2.86 -25.45 -10.71
CA ASN D 25 1.48 -25.30 -10.29
C ASN D 25 1.46 -24.37 -9.06
N ASP D 26 0.71 -23.27 -9.15
N ASP D 26 0.72 -23.27 -9.13
CA ASP D 26 0.72 -22.25 -8.10
CA ASP D 26 0.81 -22.26 -8.08
C ASP D 26 0.44 -22.78 -6.70
C ASP D 26 0.47 -22.82 -6.69
N ASN D 27 -0.58 -23.62 -6.60
CA ASN D 27 -1.04 -24.14 -5.32
C ASN D 27 -0.01 -25.12 -4.75
N CYS D 28 0.47 -26.04 -5.58
CA CYS D 28 1.48 -26.98 -5.13
C CYS D 28 2.77 -26.25 -4.69
N LYS D 29 3.21 -25.32 -5.51
CA LYS D 29 4.41 -24.57 -5.24
C LYS D 29 4.33 -23.84 -3.91
N LYS D 30 3.17 -23.27 -3.61
CA LYS D 30 3.00 -22.49 -2.38
C LYS D 30 3.03 -23.41 -1.18
N LEU D 31 2.28 -24.50 -1.26
CA LEU D 31 2.12 -25.41 -0.14
C LEU D 31 3.39 -26.23 0.07
N ARG D 32 4.10 -26.51 -1.03
CA ARG D 32 5.44 -27.12 -0.94
C ARG D 32 6.43 -26.19 -0.23
N SER D 33 6.54 -24.95 -0.69
CA SER D 33 7.48 -24.01 -0.09
C SER D 33 7.16 -23.79 1.37
N SER D 34 5.88 -23.74 1.68
CA SER D 34 5.50 -23.52 3.07
C SER D 34 6.03 -24.62 4.01
N TYR D 35 5.83 -25.89 3.65
CA TYR D 35 6.35 -26.97 4.51
C TYR D 35 7.87 -26.99 4.47
N ILE D 36 8.47 -26.68 3.31
CA ILE D 36 9.92 -26.66 3.24
C ILE D 36 10.51 -25.59 4.15
N SER D 37 9.97 -24.38 4.09
CA SER D 37 10.54 -23.28 4.86
C SER D 37 10.32 -23.44 6.36
N ILE D 38 9.16 -23.96 6.76
CA ILE D 38 8.92 -24.26 8.17
C ILE D 38 9.83 -25.41 8.62
N CYS D 39 9.81 -26.52 7.89
CA CYS D 39 10.53 -27.72 8.33
C CYS D 39 12.05 -27.54 8.31
N ASN D 40 12.56 -26.67 7.43
CA ASN D 40 14.00 -26.42 7.29
C ASN D 40 14.55 -25.37 8.25
N ARG D 41 13.69 -24.66 8.97
CA ARG D 41 14.12 -23.56 9.85
C ARG D 41 14.62 -24.07 11.21
N GLU D 42 15.91 -23.94 11.45
CA GLU D 42 16.51 -24.30 12.75
C GLU D 42 16.11 -23.34 13.87
N ILE D 43 15.80 -23.89 15.04
CA ILE D 43 15.40 -23.09 16.21
C ILE D 43 16.60 -22.72 17.10
N SER D 44 17.47 -23.69 17.33
CA SER D 44 18.65 -23.52 18.16
C SER D 44 19.62 -24.65 17.82
N PRO D 45 20.85 -24.62 18.35
CA PRO D 45 21.80 -25.70 18.05
C PRO D 45 21.32 -27.08 18.49
N THR D 46 20.40 -27.12 19.46
CA THR D 46 19.88 -28.38 20.00
C THR D 46 18.51 -28.76 19.44
N GLU D 47 17.85 -27.85 18.71
CA GLU D 47 16.52 -28.09 18.16
C GLU D 47 16.49 -27.81 16.65
N ARG D 48 16.47 -28.87 15.86
CA ARG D 48 16.56 -28.80 14.39
C ARG D 48 15.42 -28.01 13.74
N CYS D 49 14.24 -28.07 14.33
CA CYS D 49 13.06 -27.39 13.80
C CYS D 49 11.93 -27.37 14.81
N ASN D 50 10.90 -26.61 14.50
CA ASN D 50 9.61 -26.71 15.20
C ASN D 50 8.84 -27.88 14.56
N ARG D 51 8.92 -29.04 15.20
CA ARG D 51 8.39 -30.27 14.62
C ARG D 51 6.87 -30.24 14.44
N ARG D 52 6.19 -29.72 15.44
CA ARG D 52 4.73 -29.68 15.43
C ARG D 52 4.20 -28.85 14.26
N LYS D 53 4.86 -27.73 14.04
CA LYS D 53 4.52 -26.83 12.96
C LYS D 53 4.87 -27.45 11.60
N CYS D 54 6.02 -28.11 11.52
CA CYS D 54 6.45 -28.81 10.32
C CYS D 54 5.46 -29.90 9.91
N HIS D 55 5.07 -30.73 10.88
CA HIS D 55 4.06 -31.77 10.65
C HIS D 55 2.73 -31.23 10.16
N LYS D 56 2.25 -30.16 10.79
CA LYS D 56 1.04 -29.49 10.34
C LYS D 56 1.15 -29.05 8.88
N ALA D 57 2.26 -28.45 8.50
CA ALA D 57 2.45 -28.01 7.11
C ALA D 57 2.51 -29.19 6.10
N LEU D 58 3.15 -30.28 6.52
CA LEU D 58 3.15 -31.51 5.72
C LEU D 58 1.73 -32.04 5.49
N ARG D 59 0.95 -32.11 6.56
CA ARG D 59 -0.43 -32.56 6.48
C ARG D 59 -1.23 -31.74 5.48
N GLN D 60 -1.10 -30.43 5.59
CA GLN D 60 -1.76 -29.50 4.70
C GLN D 60 -1.39 -29.70 3.25
N PHE D 61 -0.11 -29.97 3.00
CA PHE D 61 0.37 -30.22 1.65
C PHE D 61 -0.31 -31.45 1.06
N PHE D 62 -0.28 -32.56 1.79
CA PHE D 62 -0.89 -33.80 1.29
C PHE D 62 -2.41 -33.76 1.28
N ASP D 63 -3.01 -32.95 2.15
CA ASP D 63 -4.48 -32.77 2.17
C ASP D 63 -4.99 -31.83 1.08
N ARG D 64 -4.25 -30.76 0.81
CA ARG D 64 -4.77 -29.68 -0.06
C ARG D 64 -4.15 -29.63 -1.46
N VAL D 65 -3.20 -30.51 -1.77
CA VAL D 65 -2.64 -30.61 -3.13
C VAL D 65 -3.07 -31.95 -3.71
N PRO D 66 -3.59 -31.96 -4.95
CA PRO D 66 -4.00 -33.25 -5.53
C PRO D 66 -2.89 -34.30 -5.63
N SER D 67 -3.32 -35.56 -5.56
CA SER D 67 -2.47 -36.73 -5.63
C SER D 67 -1.61 -36.74 -6.88
N GLU D 68 -2.11 -36.18 -7.97
CA GLU D 68 -1.32 -36.16 -9.20
C GLU D 68 0.05 -35.49 -9.00
N TYR D 69 0.12 -34.47 -8.15
CA TYR D 69 1.42 -33.86 -7.83
C TYR D 69 2.12 -34.58 -6.69
N THR D 70 1.33 -34.88 -5.69
CA THR D 70 1.81 -35.32 -4.39
C THR D 70 2.43 -36.74 -4.44
N TYR D 71 1.73 -37.68 -5.08
CA TYR D 71 2.19 -39.07 -5.16
C TYR D 71 3.40 -39.18 -6.09
N ARG D 72 3.40 -38.33 -7.09
CA ARG D 72 4.49 -38.31 -8.04
C ARG D 72 5.80 -37.94 -7.36
N MET D 73 5.74 -37.03 -6.38
CA MET D 73 6.94 -36.65 -5.63
C MET D 73 7.37 -37.74 -4.65
N LEU D 74 6.40 -38.36 -3.99
CA LEU D 74 6.65 -39.32 -2.93
C LEU D 74 7.07 -40.68 -3.45
N PHE D 75 6.51 -41.09 -4.59
CA PHE D 75 6.72 -42.43 -5.12
C PHE D 75 7.43 -42.50 -6.46
N CYS D 76 8.12 -41.43 -6.85
CA CYS D 76 8.83 -41.39 -8.12
C CYS D 76 9.89 -42.50 -8.20
N SER D 77 9.97 -43.15 -9.36
CA SER D 77 11.00 -44.13 -9.72
C SER D 77 12.36 -43.52 -9.74
N CYS D 78 13.37 -44.24 -9.25
CA CYS D 78 14.77 -43.81 -9.33
C CYS D 78 15.69 -44.93 -9.85
N GLN D 79 16.71 -44.54 -10.59
CA GLN D 79 17.79 -45.45 -11.02
C GLN D 79 19.11 -45.15 -10.32
N ASP D 80 19.23 -44.00 -9.66
CA ASP D 80 20.49 -43.62 -9.02
C ASP D 80 20.26 -42.96 -7.67
N GLN D 81 21.37 -42.67 -7.00
CA GLN D 81 21.40 -42.14 -5.63
C GLN D 81 20.88 -40.73 -5.56
N ALA D 82 21.19 -39.94 -6.57
CA ALA D 82 20.79 -38.55 -6.59
C ALA D 82 19.27 -38.47 -6.53
N CYS D 83 18.62 -39.27 -7.36
CA CYS D 83 17.17 -39.34 -7.42
C CYS D 83 16.59 -39.90 -6.12
N ALA D 84 17.22 -40.94 -5.55
CA ALA D 84 16.68 -41.60 -4.37
C ALA D 84 16.82 -40.74 -3.15
N GLU D 85 17.86 -39.91 -3.11
CA GLU D 85 18.10 -39.00 -2.00
C GLU D 85 17.05 -37.87 -2.06
N ARG D 86 16.75 -37.41 -3.27
CA ARG D 86 15.72 -36.41 -3.47
C ARG D 86 14.38 -36.93 -2.95
N ARG D 87 14.02 -38.14 -3.38
CA ARG D 87 12.83 -38.82 -2.89
C ARG D 87 12.78 -38.91 -1.36
N ARG D 88 13.88 -39.38 -0.75
CA ARG D 88 14.00 -39.48 0.68
C ARG D 88 13.80 -38.13 1.38
N GLN D 89 14.22 -37.06 0.70
CA GLN D 89 14.15 -35.72 1.24
C GLN D 89 12.80 -35.04 1.07
N THR D 90 11.89 -35.68 0.35
CA THR D 90 10.55 -35.09 0.12
C THR D 90 9.92 -34.51 1.39
N ILE D 91 9.94 -35.28 2.48
CA ILE D 91 9.28 -34.84 3.72
C ILE D 91 10.19 -34.04 4.63
N LEU D 92 11.40 -33.72 4.16
CA LEU D 92 12.44 -33.10 4.97
C LEU D 92 12.63 -33.88 6.29
N PRO D 93 13.06 -35.15 6.17
CA PRO D 93 13.15 -36.06 7.31
C PRO D 93 14.03 -35.66 8.49
N SER D 94 15.03 -34.81 8.31
CA SER D 94 15.86 -34.44 9.46
C SER D 94 15.04 -33.65 10.46
N CYS D 95 13.96 -33.02 10.01
CA CYS D 95 13.02 -32.42 10.91
C CYS D 95 11.83 -33.32 11.26
N SER D 96 11.19 -33.90 10.25
CA SER D 96 9.87 -34.48 10.38
C SER D 96 9.85 -35.95 10.79
N TYR D 97 11.00 -36.61 10.68
CA TYR D 97 11.06 -38.06 10.72
C TYR D 97 12.06 -38.50 11.78
N GLU D 98 13.31 -38.08 11.63
CA GLU D 98 14.37 -38.41 12.58
C GLU D 98 14.19 -37.69 13.90
N ASP D 99 14.77 -38.28 14.93
CA ASP D 99 14.77 -37.70 16.25
C ASP D 99 15.90 -38.36 17.02
N LYS D 100 16.41 -37.64 18.01
CA LYS D 100 17.52 -38.14 18.85
C LYS D 100 17.04 -39.36 19.64
N GLU D 101 15.77 -39.33 20.03
CA GLU D 101 15.10 -40.45 20.68
C GLU D 101 14.45 -41.34 19.63
N LYS D 102 14.79 -42.62 19.62
CA LYS D 102 14.11 -43.57 18.78
C LYS D 102 13.18 -44.44 19.61
N PRO D 103 11.87 -44.16 19.56
CA PRO D 103 10.96 -44.83 20.47
C PRO D 103 10.71 -46.27 20.10
N ASN D 104 10.12 -47.00 21.03
CA ASN D 104 9.65 -48.34 20.75
C ASN D 104 8.43 -48.18 19.87
N CYS D 105 8.33 -49.02 18.83
CA CYS D 105 7.23 -48.89 17.87
C CYS D 105 5.84 -48.98 18.51
N LEU D 106 5.67 -49.83 19.52
CA LEU D 106 4.37 -49.93 20.19
C LEU D 106 4.05 -48.71 21.03
N ASP D 107 5.05 -48.08 21.63
CA ASP D 107 4.85 -46.82 22.35
C ASP D 107 4.45 -45.73 21.34
N LEU D 108 5.14 -45.69 20.21
CA LEU D 108 4.81 -44.74 19.17
C LEU D 108 3.40 -44.97 18.64
N ARG D 109 3.03 -46.23 18.44
CA ARG D 109 1.66 -46.55 18.04
C ARG D 109 0.64 -46.03 19.07
N GLY D 110 0.96 -46.15 20.35
CA GLY D 110 0.13 -45.58 21.41
C GLY D 110 -0.06 -44.08 21.26
N VAL D 111 1.04 -43.36 21.08
CA VAL D 111 1.01 -41.90 20.86
C VAL D 111 0.15 -41.55 19.65
N CYS D 112 0.38 -42.20 18.52
CA CYS D 112 -0.51 -42.07 17.34
C CYS D 112 -1.98 -42.29 17.69
N ARG D 113 -2.27 -43.36 18.42
CA ARG D 113 -3.66 -43.69 18.71
C ARG D 113 -4.38 -42.73 19.66
N THR D 114 -3.67 -41.81 20.34
CA THR D 114 -4.37 -40.74 21.08
C THR D 114 -4.95 -39.67 20.15
N ASP D 115 -4.44 -39.62 18.92
CA ASP D 115 -4.88 -38.61 17.95
C ASP D 115 -5.95 -39.25 17.05
N HIS D 116 -7.16 -38.68 17.08
CA HIS D 116 -8.30 -39.22 16.32
C HIS D 116 -7.97 -39.51 14.85
N LEU D 117 -7.27 -38.58 14.22
CA LEU D 117 -6.96 -38.71 12.80
C LEU D 117 -5.80 -39.70 12.57
N CYS D 118 -4.75 -39.65 13.39
CA CYS D 118 -3.66 -40.62 13.22
C CYS D 118 -4.20 -42.03 13.38
N ARG D 119 -5.07 -42.22 14.37
CA ARG D 119 -5.63 -43.54 14.67
C ARG D 119 -6.37 -44.11 13.46
N SER D 120 -7.18 -43.26 12.87
CA SER D 120 -7.92 -43.57 11.68
C SER D 120 -7.03 -43.76 10.41
N ARG D 121 -6.05 -42.88 10.24
CA ARG D 121 -5.11 -43.01 9.11
C ARG D 121 -4.27 -44.29 9.23
N LEU D 122 -3.79 -44.60 10.42
CA LEU D 122 -3.07 -45.85 10.63
C LEU D 122 -3.97 -47.07 10.33
N ALA D 123 -5.21 -47.04 10.81
CA ALA D 123 -6.15 -48.12 10.52
C ALA D 123 -6.39 -48.26 9.02
N ASP D 124 -6.50 -47.15 8.29
CA ASP D 124 -6.64 -47.19 6.84
C ASP D 124 -5.43 -47.87 6.20
N PHE D 125 -4.24 -47.48 6.63
CA PHE D 125 -3.00 -48.07 6.13
C PHE D 125 -2.93 -49.59 6.38
N HIS D 126 -3.24 -50.01 7.60
N HIS D 126 -3.24 -50.01 7.61
CA HIS D 126 -3.24 -51.43 7.95
CA HIS D 126 -3.24 -51.42 7.96
C HIS D 126 -4.23 -52.20 7.07
C HIS D 126 -4.23 -52.21 7.10
N ALA D 127 -5.39 -51.62 6.81
CA ALA D 127 -6.40 -52.29 5.99
C ALA D 127 -6.06 -52.27 4.50
N ASN D 128 -5.67 -51.11 3.98
CA ASN D 128 -5.49 -50.95 2.55
C ASN D 128 -4.16 -51.48 2.01
N CYS D 129 -3.14 -51.54 2.86
CA CYS D 129 -1.85 -52.09 2.44
C CYS D 129 -1.59 -53.50 2.95
N ARG D 130 -2.62 -54.16 3.49
CA ARG D 130 -2.52 -55.50 4.02
C ARG D 130 -2.06 -56.47 2.94
N ALA D 131 -1.01 -57.21 3.22
CA ALA D 131 -0.47 -58.17 2.27
C ALA D 131 -1.41 -59.37 2.16
N SER D 132 -1.77 -59.71 0.92
CA SER D 132 -2.60 -60.87 0.61
C SER D 132 -1.74 -61.95 -0.03
N TYR D 133 -1.95 -63.20 0.37
CA TYR D 133 -1.26 -64.33 -0.25
C TYR D 133 -2.09 -64.91 -1.39
N GLN D 134 -3.15 -64.21 -1.78
CA GLN D 134 -4.15 -64.71 -2.72
C GLN D 134 -4.31 -63.85 -3.98
N THR D 135 -3.73 -62.66 -3.99
CA THR D 135 -4.00 -61.71 -5.04
C THR D 135 -2.72 -61.53 -5.86
N VAL D 136 -2.83 -61.13 -7.12
CA VAL D 136 -1.65 -61.02 -7.98
C VAL D 136 -0.65 -59.94 -7.49
N THR D 137 -1.18 -58.86 -6.93
CA THR D 137 -0.36 -57.72 -6.44
C THR D 137 0.10 -57.84 -5.00
N SER D 138 -0.40 -58.85 -4.29
CA SER D 138 -0.37 -58.92 -2.83
C SER D 138 -1.22 -57.83 -2.11
N CYS D 139 -1.95 -56.99 -2.85
CA CYS D 139 -2.85 -56.00 -2.24
C CYS D 139 -4.31 -56.42 -2.31
N PRO D 140 -5.11 -56.02 -1.31
CA PRO D 140 -6.53 -56.35 -1.34
C PRO D 140 -7.22 -55.73 -2.53
N ALA D 141 -7.97 -56.56 -3.25
CA ALA D 141 -8.66 -56.17 -4.48
C ALA D 141 -7.73 -55.62 -5.54
N ASP D 142 -6.44 -55.94 -5.45
CA ASP D 142 -5.42 -55.39 -6.33
C ASP D 142 -5.47 -53.87 -6.42
N ASN D 143 -5.84 -53.22 -5.32
CA ASN D 143 -6.01 -51.79 -5.32
C ASN D 143 -4.76 -51.10 -4.81
N TYR D 144 -3.84 -50.82 -5.72
CA TYR D 144 -2.61 -50.13 -5.37
C TYR D 144 -2.89 -48.73 -4.84
N GLN D 145 -3.75 -47.97 -5.54
CA GLN D 145 -4.00 -46.55 -5.23
C GLN D 145 -4.43 -46.32 -3.78
N ALA D 146 -5.34 -47.13 -3.27
CA ALA D 146 -5.82 -47.00 -1.89
C ALA D 146 -4.73 -47.26 -0.86
N CYS D 147 -3.82 -48.20 -1.18
CA CYS D 147 -2.64 -48.42 -0.34
C CYS D 147 -1.68 -47.21 -0.36
N LEU D 148 -1.35 -46.70 -1.54
CA LEU D 148 -0.48 -45.53 -1.65
C LEU D 148 -1.07 -44.34 -0.88
N GLY D 149 -2.36 -44.10 -1.05
CA GLY D 149 -3.05 -42.98 -0.38
C GLY D 149 -3.02 -43.13 1.12
N SER D 150 -3.18 -44.36 1.60
CA SER D 150 -3.13 -44.62 3.03
C SER D 150 -1.71 -44.44 3.56
N TYR D 151 -0.71 -44.79 2.77
CA TYR D 151 0.67 -44.50 3.16
C TYR D 151 0.86 -42.99 3.29
N ALA D 152 0.49 -42.25 2.25
CA ALA D 152 0.69 -40.79 2.24
C ALA D 152 -0.07 -40.08 3.35
N GLY D 153 -1.25 -40.61 3.67
CA GLY D 153 -2.08 -40.06 4.71
C GLY D 153 -1.54 -40.15 6.13
N MET D 154 -0.41 -40.83 6.33
CA MET D 154 0.24 -40.89 7.66
C MET D 154 1.33 -39.85 7.87
N ILE D 155 1.74 -39.19 6.79
CA ILE D 155 2.81 -38.19 6.86
C ILE D 155 2.33 -36.91 7.57
N GLY D 156 3.10 -36.48 8.56
CA GLY D 156 2.74 -35.35 9.40
C GLY D 156 2.01 -35.71 10.68
N PHE D 157 1.91 -37.00 10.99
CA PHE D 157 1.29 -37.46 12.23
C PHE D 157 2.39 -38.14 13.00
N ASP D 158 2.09 -38.63 14.20
CA ASP D 158 3.08 -39.38 14.97
C ASP D 158 3.14 -40.85 14.54
N MET D 159 3.20 -41.08 13.27
CA MET D 159 3.54 -42.36 12.72
C MET D 159 4.10 -42.06 11.33
N THR D 160 4.87 -40.99 11.22
CA THR D 160 5.30 -40.57 9.89
C THR D 160 6.28 -41.61 9.37
N PRO D 161 5.95 -42.28 8.25
CA PRO D 161 6.89 -43.21 7.63
C PRO D 161 7.80 -42.49 6.64
N ASN D 162 9.00 -43.03 6.41
CA ASN D 162 9.86 -42.58 5.32
C ASN D 162 10.82 -43.65 4.79
N TYR D 163 11.26 -43.43 3.56
CA TYR D 163 12.40 -44.12 3.01
C TYR D 163 13.53 -44.03 4.02
N VAL D 164 14.10 -45.20 4.31
CA VAL D 164 15.10 -45.36 5.35
C VAL D 164 16.48 -44.88 4.87
N ASP D 165 16.74 -44.91 3.57
CA ASP D 165 18.02 -44.46 3.02
C ASP D 165 17.87 -44.11 1.55
N SER D 166 18.98 -43.86 0.84
CA SER D 166 18.93 -43.50 -0.57
C SER D 166 19.18 -44.65 -1.54
N SER D 167 18.80 -45.85 -1.15
CA SER D 167 18.79 -46.95 -2.08
C SER D 167 17.81 -46.64 -3.23
N PRO D 168 18.28 -46.67 -4.50
CA PRO D 168 17.38 -46.35 -5.63
C PRO D 168 16.21 -47.32 -5.91
N THR D 169 16.48 -48.62 -5.96
CA THR D 169 15.44 -49.61 -6.20
C THR D 169 15.16 -50.49 -4.98
N GLY D 170 16.14 -50.67 -4.10
CA GLY D 170 15.95 -51.43 -2.88
C GLY D 170 15.22 -50.61 -1.83
N ILE D 171 13.95 -50.30 -2.08
CA ILE D 171 13.14 -49.44 -1.20
C ILE D 171 12.82 -50.10 0.13
N VAL D 172 13.15 -49.42 1.22
CA VAL D 172 12.68 -49.81 2.55
C VAL D 172 12.09 -48.58 3.23
N VAL D 173 10.82 -48.67 3.64
CA VAL D 173 10.17 -47.60 4.39
C VAL D 173 9.85 -48.06 5.82
N SER D 174 9.83 -47.10 6.74
CA SER D 174 9.60 -47.39 8.13
C SER D 174 9.22 -46.11 8.89
N PRO D 175 8.44 -46.25 9.98
CA PRO D 175 8.38 -45.17 10.95
C PRO D 175 9.68 -45.07 11.70
N TRP D 176 9.92 -43.96 12.37
CA TRP D 176 11.13 -43.80 13.16
C TRP D 176 10.86 -44.41 14.54
N CYS D 177 11.15 -45.70 14.64
CA CYS D 177 10.99 -46.46 15.87
C CYS D 177 11.72 -47.80 15.74
N SER D 178 11.96 -48.46 16.87
CA SER D 178 12.49 -49.83 16.83
C SER D 178 11.74 -50.70 17.80
N CYS D 179 11.99 -51.99 17.74
CA CYS D 179 11.32 -52.94 18.61
C CYS D 179 12.19 -53.40 19.79
N ARG D 180 13.32 -52.71 19.99
CA ARG D 180 14.11 -52.90 21.20
C ARG D 180 13.37 -52.31 22.39
N GLY D 181 13.53 -52.95 23.55
CA GLY D 181 12.84 -52.54 24.77
C GLY D 181 11.37 -52.93 24.79
N SER D 182 11.01 -53.95 24.01
CA SER D 182 9.61 -54.40 23.93
C SER D 182 9.19 -55.30 25.10
N GLY D 183 10.18 -55.84 25.83
CA GLY D 183 9.92 -56.79 26.90
C GLY D 183 9.27 -58.06 26.36
N ASN D 184 8.10 -58.40 26.87
CA ASN D 184 7.40 -59.60 26.43
C ASN D 184 6.48 -59.37 25.23
N MET D 185 6.45 -58.14 24.70
CA MET D 185 5.61 -57.85 23.52
C MET D 185 6.44 -57.68 22.25
N GLU D 186 7.61 -58.31 22.22
CA GLU D 186 8.53 -58.18 21.10
C GLU D 186 7.95 -58.70 19.78
N GLU D 187 7.22 -59.83 19.83
CA GLU D 187 6.65 -60.41 18.61
C GLU D 187 5.58 -59.48 18.06
N GLU D 188 4.75 -58.94 18.95
CA GLU D 188 3.68 -58.02 18.59
C GLU D 188 4.25 -56.77 17.92
N CYS D 189 5.32 -56.23 18.50
CA CYS D 189 5.98 -55.03 17.97
C CYS D 189 6.53 -55.25 16.56
N GLU D 190 7.24 -56.36 16.37
CA GLU D 190 7.89 -56.66 15.10
C GLU D 190 6.87 -56.94 14.00
N LYS D 191 5.75 -57.55 14.36
CA LYS D 191 4.69 -57.79 13.39
C LYS D 191 4.10 -56.45 12.95
N PHE D 192 3.94 -55.53 13.89
CA PHE D 192 3.43 -54.20 13.59
C PHE D 192 4.40 -53.51 12.65
N LEU D 193 5.66 -53.53 13.02
CA LEU D 193 6.67 -52.85 12.22
C LEU D 193 6.74 -53.40 10.79
N ARG D 194 6.54 -54.72 10.63
CA ARG D 194 6.61 -55.36 9.32
C ARG D 194 5.52 -54.95 8.35
N ASP D 195 4.43 -54.38 8.85
CA ASP D 195 3.41 -53.78 7.97
C ASP D 195 3.98 -52.65 7.11
N PHE D 196 5.00 -51.99 7.65
CA PHE D 196 5.74 -50.95 6.96
C PHE D 196 6.93 -51.54 6.21
N THR D 197 7.81 -52.22 6.98
CA THR D 197 9.14 -52.57 6.51
C THR D 197 9.19 -53.75 5.55
N GLU D 198 8.27 -54.71 5.68
CA GLU D 198 8.36 -55.98 4.96
C GLU D 198 6.97 -56.35 4.50
N ASN D 199 6.43 -55.53 3.63
CA ASN D 199 5.09 -55.67 3.13
C ASN D 199 5.11 -55.71 1.61
N PRO D 200 4.85 -56.90 1.02
CA PRO D 200 4.89 -57.02 -0.44
C PRO D 200 3.84 -56.19 -1.15
N CYS D 201 2.68 -55.94 -0.52
CA CYS D 201 1.67 -55.07 -1.14
C CYS D 201 2.19 -53.65 -1.30
N LEU D 202 2.73 -53.09 -0.21
CA LEU D 202 3.30 -51.76 -0.25
C LEU D 202 4.46 -51.70 -1.24
N ARG D 203 5.38 -52.66 -1.14
CA ARG D 203 6.49 -52.75 -2.07
C ARG D 203 6.01 -52.68 -3.52
N ASN D 204 5.03 -53.50 -3.86
CA ASN D 204 4.55 -53.57 -5.22
C ASN D 204 3.81 -52.32 -5.64
N ALA D 205 3.02 -51.76 -4.71
CA ALA D 205 2.30 -50.53 -5.01
C ALA D 205 3.27 -49.40 -5.36
N ILE D 206 4.33 -49.23 -4.56
CA ILE D 206 5.28 -48.15 -4.82
C ILE D 206 6.02 -48.40 -6.14
N GLN D 207 6.45 -49.64 -6.36
CA GLN D 207 7.14 -49.98 -7.59
C GLN D 207 6.29 -49.82 -8.83
N ALA D 208 5.01 -50.17 -8.73
CA ALA D 208 4.12 -50.05 -9.86
C ALA D 208 3.79 -48.60 -10.22
N PHE D 209 3.94 -47.68 -9.27
CA PHE D 209 3.61 -46.29 -9.55
C PHE D 209 4.50 -45.66 -10.63
N GLY D 210 5.81 -45.92 -10.58
CA GLY D 210 6.76 -45.31 -11.53
C GLY D 210 7.23 -43.95 -11.03
#